data_5OQT
#
_entry.id   5OQT
#
_cell.length_a   76.923
_cell.length_b   83.148
_cell.length_c   119.744
_cell.angle_alpha   90.00
_cell.angle_beta   90.00
_cell.angle_gamma   90.00
#
_symmetry.space_group_name_H-M   'P 21 21 21'
#
loop_
_entity.id
_entity.type
_entity.pdbx_description
1 polymer 'Amino acid transporter'
2 polymer 'Uncharacterized protein YneM'
3 non-polymer '(2R)-2,3-dihydroxypropyl (9Z)-octadec-9-enoate'
4 non-polymer 'ACETATE ION'
5 non-polymer 'CHLORIDE ION'
6 non-polymer ALANINE
7 non-polymer CHOLESTEROL
8 water water
#
loop_
_entity_poly.entity_id
_entity_poly.type
_entity_poly.pdbx_seq_one_letter_code
_entity_poly.pdbx_strand_id
1 'polypeptide(L)'
;MNLFRKKPIQLLMKESGAKGASLRKELGAFDLTMLGIGAIIGTGIFVLTGVAAAEHAGPALVLSFILSGLACVFAALCYA
EFASTVPVSGSAYTYSYATFGELIAWILGWDLILEYGVASSAVAVGWSGYFQGLLSGFGIELPKALTSAYDPAKGTFIDL
PAIIIVLFITFLLNLGAKKSARFNAVIVAIKVAVVLLFLAVGVWYVKPENWTPFMPYGFSGVATGAATVFFAYIGFDAVS
TAAEEVRNPQRDMPIGIIVSLLVCTLLYIAVSLVLTGIVPYEQLNVKNPVAFALNYIHQDWVAGFISLGAIAGITTVLLV
MMYGQTRLFYAISRDGLLPKVFARISPTRQVPYVNTWLTGAAVAVFAGIIPLNKLAELTNIGTLFAFITVSIGVLVLRKT
QPDLKRAFRVPFVPVVPILAVLFCGYLVLQLPAMTWIGFVSWLLIGLVIYFIYGRKHSELNEMARTEEKAG
;
A
2 'polypeptide(L)' MLGNMNVFMAVLGIILFSGFLAAYFSHKWDD C
#
loop_
_chem_comp.id
_chem_comp.type
_chem_comp.name
_chem_comp.formula
ACT non-polymer 'ACETATE ION' 'C2 H3 O2 -1'
CL non-polymer 'CHLORIDE ION' 'Cl -1'
CLR non-polymer CHOLESTEROL 'C27 H46 O'
OLC non-polymer '(2R)-2,3-dihydroxypropyl (9Z)-octadec-9-enoate' 'C21 H40 O4'
#
# COMPACT_ATOMS: atom_id res chain seq x y z
N LEU A 3 21.44 -12.60 19.64
CA LEU A 3 20.55 -11.46 19.38
C LEU A 3 20.57 -11.02 17.92
N PHE A 4 21.77 -10.70 17.39
CA PHE A 4 21.92 -10.26 15.99
C PHE A 4 22.40 -11.42 15.05
N ARG A 5 21.96 -12.67 15.36
CA ARG A 5 22.23 -13.89 14.57
C ARG A 5 21.53 -13.85 13.20
N LYS A 6 22.30 -13.46 12.16
CA LYS A 6 21.89 -13.31 10.77
C LYS A 6 21.47 -14.62 10.10
N LYS A 7 20.54 -14.53 9.14
CA LYS A 7 20.04 -15.67 8.36
C LYS A 7 20.83 -15.74 7.04
N PRO A 8 21.57 -16.85 6.76
CA PRO A 8 22.35 -16.90 5.51
C PRO A 8 21.47 -16.87 4.26
N ILE A 9 21.87 -16.06 3.26
CA ILE A 9 21.12 -15.89 2.02
C ILE A 9 20.89 -17.27 1.33
N GLN A 10 21.89 -18.17 1.36
CA GLN A 10 21.80 -19.54 0.82
C GLN A 10 20.54 -20.28 1.32
N LEU A 11 20.20 -20.10 2.63
CA LEU A 11 19.05 -20.71 3.30
C LEU A 11 17.72 -20.13 2.78
N LEU A 12 17.69 -18.81 2.51
CA LEU A 12 16.51 -18.12 1.98
C LEU A 12 16.21 -18.56 0.55
N MET A 13 17.27 -18.93 -0.22
CA MET A 13 17.19 -19.41 -1.59
C MET A 13 16.53 -20.80 -1.61
N LYS A 14 16.88 -21.67 -0.64
CA LYS A 14 16.37 -23.04 -0.48
C LYS A 14 14.87 -23.10 -0.20
N GLU A 15 14.36 -22.24 0.69
CA GLU A 15 12.93 -22.17 1.05
C GLU A 15 12.08 -21.64 -0.12
N SER A 16 12.61 -20.62 -0.83
CA SER A 16 12.02 -20.00 -2.02
C SER A 16 12.07 -21.00 -3.20
N GLY A 17 13.14 -21.79 -3.23
CA GLY A 17 13.36 -22.82 -4.25
C GLY A 17 12.55 -24.07 -4.06
N ALA A 18 12.02 -24.29 -2.83
CA ALA A 18 11.18 -25.43 -2.48
C ALA A 18 9.70 -25.08 -2.68
N LYS A 19 9.32 -23.83 -2.39
CA LYS A 19 7.97 -23.32 -2.56
C LYS A 19 7.65 -23.09 -4.04
N GLY A 20 8.62 -22.53 -4.79
CA GLY A 20 8.46 -22.21 -6.20
C GLY A 20 9.00 -23.24 -7.19
N ALA A 21 9.13 -24.50 -6.75
CA ALA A 21 9.60 -25.60 -7.59
C ALA A 21 8.49 -26.09 -8.52
N SER A 22 7.28 -26.22 -7.97
CA SER A 22 6.08 -26.67 -8.69
C SER A 22 5.50 -25.57 -9.59
N LEU A 23 5.43 -24.31 -9.06
CA LEU A 23 4.90 -23.09 -9.69
C LEU A 23 5.51 -22.76 -11.06
N ARG A 24 4.67 -22.33 -12.02
CA ARG A 24 5.09 -21.96 -13.39
C ARG A 24 5.57 -20.51 -13.46
N LYS A 25 6.62 -20.27 -14.25
CA LYS A 25 7.23 -18.96 -14.44
C LYS A 25 6.91 -18.37 -15.82
N GLU A 26 6.30 -17.19 -15.84
CA GLU A 26 5.91 -16.47 -17.06
C GLU A 26 6.13 -14.96 -16.84
N LEU A 27 5.74 -14.48 -15.64
CA LEU A 27 5.77 -13.09 -15.21
C LEU A 27 7.06 -12.36 -15.57
N GLY A 28 6.89 -11.19 -16.20
CA GLY A 28 7.98 -10.32 -16.60
C GLY A 28 7.85 -8.94 -15.98
N ALA A 29 8.60 -7.95 -16.52
CA ALA A 29 8.62 -6.57 -16.04
C ALA A 29 7.26 -5.88 -16.12
N PHE A 30 6.43 -6.19 -17.13
CA PHE A 30 5.10 -5.59 -17.26
C PHE A 30 4.14 -6.08 -16.16
N ASP A 31 4.07 -7.43 -15.97
CA ASP A 31 3.21 -8.11 -15.01
C ASP A 31 3.48 -7.67 -13.59
N LEU A 32 4.75 -7.35 -13.30
CA LEU A 32 5.19 -6.88 -11.99
C LEU A 32 4.91 -5.40 -11.79
N THR A 33 4.86 -4.59 -12.88
CA THR A 33 4.52 -3.16 -12.81
C THR A 33 3.02 -3.05 -12.44
N MET A 34 2.20 -3.99 -12.96
CA MET A 34 0.75 -4.12 -12.71
C MET A 34 0.53 -4.51 -11.25
N LEU A 35 1.34 -5.46 -10.76
CA LEU A 35 1.35 -5.93 -9.37
C LEU A 35 1.61 -4.73 -8.46
N GLY A 36 2.64 -3.95 -8.80
CA GLY A 36 3.03 -2.73 -8.10
C GLY A 36 1.96 -1.66 -8.11
N ILE A 37 1.42 -1.28 -9.30
CA ILE A 37 0.37 -0.24 -9.46
C ILE A 37 -0.90 -0.65 -8.70
N GLY A 38 -1.26 -1.93 -8.81
CA GLY A 38 -2.40 -2.53 -8.11
C GLY A 38 -2.29 -2.34 -6.61
N ALA A 39 -1.08 -2.52 -6.05
CA ALA A 39 -0.85 -2.34 -4.63
C ALA A 39 -0.66 -0.87 -4.20
N ILE A 40 -0.32 0.05 -5.16
CA ILE A 40 -0.07 1.47 -4.82
C ILE A 40 -1.34 2.39 -4.93
N ILE A 41 -2.03 2.45 -6.10
CA ILE A 41 -3.21 3.32 -6.28
C ILE A 41 -4.39 2.78 -5.48
N GLY A 42 -4.87 3.56 -4.51
CA GLY A 42 -6.01 3.17 -3.69
C GLY A 42 -6.59 4.31 -2.86
N THR A 43 -6.89 4.01 -1.58
CA THR A 43 -7.46 4.92 -0.58
C THR A 43 -6.65 6.22 -0.36
N GLY A 44 -5.32 6.11 -0.48
CA GLY A 44 -4.41 7.24 -0.31
C GLY A 44 -4.74 8.40 -1.22
N ILE A 45 -4.76 8.15 -2.55
CA ILE A 45 -5.06 9.17 -3.56
C ILE A 45 -6.57 9.43 -3.68
N PHE A 46 -7.39 8.38 -3.57
CA PHE A 46 -8.82 8.55 -3.71
C PHE A 46 -9.49 9.25 -2.54
N VAL A 47 -9.00 9.04 -1.29
CA VAL A 47 -9.65 9.64 -0.10
C VAL A 47 -8.74 10.66 0.64
N LEU A 48 -7.57 10.23 1.14
CA LEU A 48 -6.64 11.06 1.94
C LEU A 48 -6.31 12.43 1.32
N THR A 49 -6.22 12.49 -0.02
CA THR A 49 -5.89 13.67 -0.81
C THR A 49 -6.85 14.86 -0.53
N GLY A 50 -8.16 14.59 -0.41
CA GLY A 50 -9.18 15.59 -0.11
C GLY A 50 -9.02 16.20 1.26
N VAL A 51 -9.05 15.35 2.31
CA VAL A 51 -8.88 15.74 3.72
C VAL A 51 -7.54 16.47 3.95
N ALA A 52 -6.42 15.94 3.37
CA ALA A 52 -5.08 16.52 3.49
C ALA A 52 -4.97 17.91 2.86
N ALA A 53 -5.53 18.13 1.64
CA ALA A 53 -5.53 19.45 1.02
C ALA A 53 -6.37 20.47 1.83
N ALA A 54 -7.53 20.04 2.36
CA ALA A 54 -8.44 20.90 3.10
C ALA A 54 -7.97 21.30 4.48
N GLU A 55 -7.19 20.44 5.17
CA GLU A 55 -6.79 20.69 6.55
C GLU A 55 -5.29 20.75 6.83
N HIS A 56 -4.43 20.40 5.85
CA HIS A 56 -2.99 20.40 6.09
C HIS A 56 -2.20 21.36 5.19
N ALA A 57 -2.27 21.22 3.85
CA ALA A 57 -1.46 21.99 2.89
C ALA A 57 -2.20 23.01 2.01
N GLY A 58 -3.38 22.62 1.52
CA GLY A 58 -4.15 23.43 0.59
C GLY A 58 -3.72 23.12 -0.83
N PRO A 59 -3.73 24.12 -1.75
CA PRO A 59 -3.24 23.85 -3.12
C PRO A 59 -1.79 23.33 -3.17
N ALA A 60 -0.97 23.71 -2.16
CA ALA A 60 0.44 23.31 -2.03
C ALA A 60 0.64 21.80 -1.73
N LEU A 61 -0.47 21.00 -1.74
CA LEU A 61 -0.47 19.55 -1.54
C LEU A 61 0.38 18.87 -2.62
N VAL A 62 0.59 19.57 -3.75
CA VAL A 62 1.43 19.10 -4.85
C VAL A 62 2.91 18.99 -4.39
N LEU A 63 3.41 19.95 -3.55
CA LEU A 63 4.76 19.94 -3.01
C LEU A 63 4.85 18.91 -1.90
N SER A 64 3.72 18.69 -1.23
CA SER A 64 3.53 17.71 -0.17
C SER A 64 3.56 16.28 -0.78
N PHE A 65 3.31 16.17 -2.10
CA PHE A 65 3.40 14.91 -2.82
C PHE A 65 4.80 14.72 -3.36
N ILE A 66 5.50 15.85 -3.65
CA ILE A 66 6.86 15.79 -4.16
C ILE A 66 7.82 15.33 -3.05
N LEU A 67 7.81 16.02 -1.88
CA LEU A 67 8.63 15.70 -0.71
C LEU A 67 8.43 14.24 -0.29
N SER A 68 7.15 13.83 -0.10
CA SER A 68 6.69 12.49 0.27
C SER A 68 7.10 11.45 -0.81
N GLY A 69 7.00 11.85 -2.09
CA GLY A 69 7.34 11.04 -3.27
C GLY A 69 8.82 10.80 -3.39
N LEU A 70 9.65 11.79 -2.99
CA LEU A 70 11.11 11.69 -3.01
C LEU A 70 11.61 10.76 -1.93
N ALA A 71 10.96 10.76 -0.75
CA ALA A 71 11.29 9.90 0.37
C ALA A 71 11.08 8.42 -0.02
N CYS A 72 10.01 8.14 -0.78
CA CYS A 72 9.69 6.79 -1.26
C CYS A 72 10.57 6.35 -2.40
N VAL A 73 10.97 7.26 -3.31
CA VAL A 73 11.88 6.92 -4.42
C VAL A 73 13.19 6.42 -3.84
N PHE A 74 13.83 7.20 -2.94
CA PHE A 74 15.09 6.82 -2.30
C PHE A 74 14.97 5.49 -1.55
N ALA A 75 13.80 5.22 -0.96
CA ALA A 75 13.51 3.99 -0.23
C ALA A 75 13.27 2.81 -1.17
N ALA A 76 12.51 3.01 -2.27
CA ALA A 76 12.20 1.99 -3.28
C ALA A 76 13.46 1.51 -3.97
N LEU A 77 14.41 2.44 -4.21
CA LEU A 77 15.71 2.12 -4.81
C LEU A 77 16.49 1.07 -3.96
N CYS A 78 16.34 1.13 -2.63
CA CYS A 78 16.94 0.21 -1.65
C CYS A 78 16.28 -1.15 -1.70
N TYR A 79 14.93 -1.17 -1.81
CA TYR A 79 14.12 -2.39 -1.93
C TYR A 79 14.46 -3.14 -3.23
N ALA A 80 14.69 -2.37 -4.33
CA ALA A 80 15.07 -2.92 -5.63
C ALA A 80 16.44 -3.59 -5.56
N GLU A 81 17.42 -2.99 -4.82
CA GLU A 81 18.71 -3.64 -4.66
C GLU A 81 18.56 -4.95 -3.86
N PHE A 82 17.60 -5.00 -2.91
CA PHE A 82 17.32 -6.17 -2.11
C PHE A 82 16.59 -7.28 -2.87
N ALA A 83 15.70 -6.92 -3.82
CA ALA A 83 14.94 -7.86 -4.63
C ALA A 83 15.84 -8.43 -5.73
N SER A 84 16.88 -7.66 -6.11
CA SER A 84 17.87 -8.08 -7.09
C SER A 84 18.84 -9.07 -6.44
N THR A 85 19.34 -8.77 -5.21
CA THR A 85 20.32 -9.58 -4.46
C THR A 85 19.73 -10.83 -3.78
N VAL A 86 18.55 -10.69 -3.12
CA VAL A 86 17.84 -11.78 -2.45
C VAL A 86 16.48 -11.96 -3.19
N PRO A 87 16.47 -12.59 -4.40
CA PRO A 87 15.20 -12.69 -5.15
C PRO A 87 14.24 -13.77 -4.66
N VAL A 88 13.87 -13.69 -3.39
CA VAL A 88 12.96 -14.63 -2.71
C VAL A 88 11.59 -13.99 -2.50
N SER A 89 10.53 -14.82 -2.41
CA SER A 89 9.18 -14.30 -2.16
C SER A 89 9.09 -13.76 -0.74
N GLY A 90 9.40 -12.49 -0.56
CA GLY A 90 9.39 -11.83 0.74
C GLY A 90 9.95 -10.43 0.74
N SER A 91 9.49 -9.61 1.70
CA SER A 91 9.87 -8.20 1.88
C SER A 91 10.72 -7.99 3.14
N ALA A 92 10.77 -6.71 3.62
CA ALA A 92 11.50 -6.14 4.75
C ALA A 92 11.85 -7.12 5.89
N TYR A 93 10.93 -8.02 6.29
CA TYR A 93 11.20 -9.00 7.36
C TYR A 93 12.39 -9.91 6.99
N THR A 94 12.37 -10.48 5.76
CA THR A 94 13.41 -11.36 5.22
C THR A 94 14.73 -10.60 5.03
N TYR A 95 14.69 -9.37 4.51
CA TYR A 95 15.88 -8.56 4.27
C TYR A 95 16.63 -8.24 5.55
N SER A 96 15.92 -7.85 6.63
CA SER A 96 16.51 -7.52 7.94
C SER A 96 17.14 -8.74 8.58
N TYR A 97 16.54 -9.92 8.39
CA TYR A 97 17.04 -11.18 8.94
C TYR A 97 18.39 -11.56 8.31
N ALA A 98 18.56 -11.28 7.02
CA ALA A 98 19.80 -11.58 6.31
C ALA A 98 20.92 -10.58 6.61
N THR A 99 20.57 -9.27 6.70
CA THR A 99 21.54 -8.19 6.93
C THR A 99 21.80 -7.89 8.39
N PHE A 100 20.76 -7.49 9.14
CA PHE A 100 20.93 -7.14 10.55
C PHE A 100 21.02 -8.36 11.47
N GLY A 101 19.99 -9.20 11.44
CA GLY A 101 19.89 -10.37 12.31
C GLY A 101 18.54 -10.48 12.98
N GLU A 102 18.36 -11.56 13.75
CA GLU A 102 17.13 -11.94 14.43
C GLU A 102 16.42 -10.85 15.26
N LEU A 103 17.16 -10.07 16.07
CA LEU A 103 16.56 -9.02 16.91
C LEU A 103 15.87 -7.90 16.12
N ILE A 104 16.55 -7.36 15.08
CA ILE A 104 16.04 -6.29 14.21
C ILE A 104 14.89 -6.83 13.33
N ALA A 105 15.04 -8.05 12.77
CA ALA A 105 14.03 -8.71 11.96
C ALA A 105 12.78 -9.03 12.77
N TRP A 106 12.92 -9.32 14.07
CA TRP A 106 11.74 -9.59 14.89
C TRP A 106 10.94 -8.31 15.14
N ILE A 107 11.63 -7.21 15.56
CA ILE A 107 11.02 -5.91 15.84
C ILE A 107 10.24 -5.43 14.61
N LEU A 108 10.93 -5.32 13.47
CA LEU A 108 10.33 -4.90 12.20
C LEU A 108 9.18 -5.84 11.80
N GLY A 109 9.41 -7.16 11.90
CA GLY A 109 8.44 -8.20 11.60
C GLY A 109 7.15 -8.02 12.37
N TRP A 110 7.25 -7.86 13.71
CA TRP A 110 6.12 -7.64 14.60
C TRP A 110 5.42 -6.31 14.29
N ASP A 111 6.18 -5.31 13.82
CA ASP A 111 5.67 -4.00 13.46
C ASP A 111 4.80 -4.09 12.23
N LEU A 112 5.24 -4.90 11.24
CA LEU A 112 4.53 -5.07 9.98
C LEU A 112 3.29 -5.94 10.12
N ILE A 113 3.21 -6.84 11.13
CA ILE A 113 2.02 -7.64 11.42
C ILE A 113 0.87 -6.65 11.67
N LEU A 114 1.18 -5.57 12.41
CA LEU A 114 0.27 -4.49 12.71
C LEU A 114 0.04 -3.60 11.48
N GLU A 115 1.12 -3.11 10.81
CA GLU A 115 1.04 -2.25 9.63
C GLU A 115 0.13 -2.81 8.53
N TYR A 116 0.28 -4.08 8.11
CA TYR A 116 -0.56 -4.67 7.06
C TYR A 116 -2.04 -4.75 7.50
N GLY A 117 -2.27 -5.00 8.79
CA GLY A 117 -3.61 -5.07 9.40
C GLY A 117 -4.28 -3.71 9.45
N VAL A 118 -3.56 -2.71 9.98
CA VAL A 118 -3.98 -1.32 10.11
C VAL A 118 -4.15 -0.67 8.71
N ALA A 119 -3.29 -1.04 7.73
CA ALA A 119 -3.38 -0.55 6.35
C ALA A 119 -4.64 -1.07 5.66
N SER A 120 -5.05 -2.31 5.98
CA SER A 120 -6.26 -2.92 5.42
C SER A 120 -7.51 -2.19 5.90
N SER A 121 -7.54 -1.81 7.19
CA SER A 121 -8.65 -1.08 7.80
C SER A 121 -8.77 0.31 7.16
N ALA A 122 -7.62 0.98 6.96
CA ALA A 122 -7.58 2.30 6.34
C ALA A 122 -8.05 2.24 4.89
N VAL A 123 -7.66 1.17 4.16
CA VAL A 123 -8.07 0.92 2.77
C VAL A 123 -9.60 0.70 2.70
N ALA A 124 -10.14 -0.17 3.57
CA ALA A 124 -11.57 -0.50 3.65
C ALA A 124 -12.45 0.67 4.06
N VAL A 125 -11.93 1.60 4.87
CA VAL A 125 -12.65 2.81 5.32
C VAL A 125 -12.82 3.73 4.11
N GLY A 126 -11.77 3.86 3.31
CA GLY A 126 -11.76 4.68 2.09
C GLY A 126 -12.71 4.14 1.04
N TRP A 127 -12.69 2.80 0.83
CA TRP A 127 -13.55 2.04 -0.08
C TRP A 127 -15.04 2.33 0.26
N SER A 128 -15.40 2.28 1.56
CA SER A 128 -16.75 2.50 2.10
C SER A 128 -17.35 3.85 1.68
N GLY A 129 -16.56 4.93 1.78
CA GLY A 129 -16.94 6.27 1.40
C GLY A 129 -17.25 6.40 -0.08
N TYR A 130 -16.63 5.55 -0.91
CA TYR A 130 -16.89 5.57 -2.36
C TYR A 130 -18.09 4.71 -2.74
N PHE A 131 -18.32 3.63 -1.99
CA PHE A 131 -19.44 2.73 -2.14
C PHE A 131 -20.73 3.44 -1.70
N GLN A 132 -20.64 4.21 -0.60
CA GLN A 132 -21.75 4.99 -0.03
C GLN A 132 -22.15 6.16 -0.92
N GLY A 133 -21.14 6.85 -1.49
CA GLY A 133 -21.28 7.99 -2.38
C GLY A 133 -21.95 7.61 -3.68
N LEU A 134 -21.53 6.46 -4.25
CA LEU A 134 -22.04 5.86 -5.49
C LEU A 134 -23.52 5.49 -5.32
N LEU A 135 -23.87 4.80 -4.21
CA LEU A 135 -25.24 4.36 -3.91
C LEU A 135 -26.25 5.51 -3.86
N SER A 136 -25.89 6.63 -3.21
CA SER A 136 -26.74 7.82 -3.16
C SER A 136 -26.75 8.49 -4.54
N GLY A 137 -27.90 8.41 -5.22
CA GLY A 137 -28.06 8.94 -6.57
C GLY A 137 -27.94 7.86 -7.63
N GLU A 141 -29.64 3.58 -1.97
CA GLU A 141 -29.34 5.02 -1.97
C GLU A 141 -28.46 5.40 -0.76
N LEU A 142 -29.10 5.70 0.39
CA LEU A 142 -28.43 6.03 1.65
C LEU A 142 -28.90 5.04 2.74
N PRO A 143 -27.99 4.34 3.47
CA PRO A 143 -28.45 3.39 4.50
C PRO A 143 -28.75 4.07 5.84
N LYS A 144 -29.02 3.27 6.90
CA LYS A 144 -29.26 3.77 8.26
C LYS A 144 -28.09 4.66 8.68
N ALA A 145 -28.41 5.95 8.95
CA ALA A 145 -27.51 7.05 9.32
C ALA A 145 -26.39 6.72 10.32
N LEU A 146 -26.69 5.87 11.32
CA LEU A 146 -25.77 5.50 12.41
C LEU A 146 -24.79 4.35 12.06
N THR A 147 -24.93 3.75 10.87
CA THR A 147 -24.07 2.65 10.42
C THR A 147 -23.27 3.04 9.17
N SER A 148 -22.94 4.35 9.07
CA SER A 148 -22.21 4.93 7.94
C SER A 148 -20.75 5.31 8.25
N ALA A 149 -20.40 5.63 9.50
CA ALA A 149 -19.04 5.99 9.89
C ALA A 149 -18.64 5.52 11.29
N TYR A 150 -17.39 5.80 11.70
CA TYR A 150 -16.80 5.51 13.02
C TYR A 150 -17.61 6.18 14.15
N ASP A 151 -17.38 5.78 15.40
CA ASP A 151 -18.06 6.34 16.58
C ASP A 151 -17.54 7.76 16.96
N PRO A 152 -18.33 8.86 16.78
CA PRO A 152 -17.84 10.20 17.18
C PRO A 152 -18.59 10.64 18.45
N ALA A 153 -19.10 11.88 18.48
CA ALA A 153 -19.91 12.43 19.57
C ALA A 153 -21.34 12.64 19.06
N LYS A 154 -21.51 12.78 17.73
CA LYS A 154 -22.82 12.97 17.10
C LYS A 154 -23.08 12.05 15.89
N GLY A 155 -24.02 11.13 16.09
CA GLY A 155 -24.49 10.19 15.08
C GLY A 155 -23.96 8.77 15.16
N THR A 156 -23.25 8.40 14.09
CA THR A 156 -22.62 7.13 13.73
C THR A 156 -21.97 6.31 14.87
N PHE A 157 -22.06 4.96 14.78
CA PHE A 157 -21.47 4.04 15.75
C PHE A 157 -20.46 3.10 15.06
N ILE A 158 -20.85 2.50 13.91
CA ILE A 158 -20.00 1.60 13.12
C ILE A 158 -20.03 1.93 11.62
N ASP A 159 -18.92 1.64 10.91
CA ASP A 159 -18.80 1.83 9.47
C ASP A 159 -19.05 0.45 8.86
N LEU A 160 -20.34 0.06 8.76
CA LEU A 160 -20.74 -1.25 8.26
C LEU A 160 -20.17 -1.60 6.88
N PRO A 161 -20.19 -0.72 5.82
CA PRO A 161 -19.59 -1.13 4.54
C PRO A 161 -18.11 -1.54 4.66
N ALA A 162 -17.36 -0.83 5.53
CA ALA A 162 -15.96 -1.12 5.82
C ALA A 162 -15.84 -2.47 6.53
N ILE A 163 -16.81 -2.82 7.42
CA ILE A 163 -16.82 -4.12 8.09
C ILE A 163 -17.10 -5.22 7.04
N ILE A 164 -18.12 -5.00 6.18
CA ILE A 164 -18.56 -5.92 5.13
C ILE A 164 -17.46 -6.21 4.09
N ILE A 165 -16.80 -5.18 3.51
CA ILE A 165 -15.77 -5.40 2.46
C ILE A 165 -14.61 -6.27 2.96
N VAL A 166 -14.23 -6.14 4.24
CA VAL A 166 -13.16 -6.94 4.84
C VAL A 166 -13.61 -8.40 4.86
N LEU A 167 -14.87 -8.67 5.28
CA LEU A 167 -15.46 -10.01 5.34
C LEU A 167 -15.59 -10.64 3.96
N PHE A 168 -15.78 -9.80 2.92
CA PHE A 168 -15.87 -10.28 1.54
C PHE A 168 -14.48 -10.71 1.07
N ILE A 169 -13.44 -9.90 1.38
CA ILE A 169 -12.04 -10.18 1.03
C ILE A 169 -11.53 -11.38 1.79
N THR A 170 -11.94 -11.54 3.07
CA THR A 170 -11.58 -12.66 3.95
C THR A 170 -12.20 -13.97 3.42
N PHE A 171 -13.41 -13.90 2.82
CA PHE A 171 -14.09 -15.04 2.21
C PHE A 171 -13.40 -15.47 0.92
N LEU A 172 -12.89 -14.50 0.11
CA LEU A 172 -12.19 -14.74 -1.15
C LEU A 172 -10.85 -15.44 -0.95
N LEU A 173 -10.00 -14.92 -0.02
CA LEU A 173 -8.69 -15.48 0.31
C LEU A 173 -8.82 -16.91 0.89
N ASN A 174 -9.93 -17.20 1.62
CA ASN A 174 -10.22 -18.50 2.20
C ASN A 174 -10.77 -19.49 1.17
N LEU A 175 -11.30 -18.98 0.04
CA LEU A 175 -11.84 -19.80 -1.05
C LEU A 175 -10.68 -20.50 -1.81
N GLY A 176 -9.47 -19.95 -1.67
CA GLY A 176 -8.25 -20.47 -2.27
C GLY A 176 -8.16 -20.36 -3.78
N ALA A 177 -8.92 -19.41 -4.37
CA ALA A 177 -8.96 -19.17 -5.82
C ALA A 177 -7.61 -18.61 -6.31
N LYS A 178 -6.91 -19.39 -7.17
CA LYS A 178 -5.60 -19.02 -7.72
C LYS A 178 -5.64 -17.71 -8.52
N LYS A 179 -4.56 -16.92 -8.39
CA LYS A 179 -4.39 -15.61 -9.04
C LYS A 179 -4.13 -15.71 -10.56
N SER A 180 -4.70 -14.76 -11.31
CA SER A 180 -4.58 -14.64 -12.77
C SER A 180 -3.97 -13.28 -13.14
N ALA A 181 -2.74 -13.31 -13.69
CA ALA A 181 -1.97 -12.15 -14.14
C ALA A 181 -2.73 -11.31 -15.19
N ARG A 182 -3.58 -11.98 -16.01
CA ARG A 182 -4.43 -11.35 -17.01
C ARG A 182 -5.56 -10.59 -16.32
N PHE A 183 -6.18 -11.23 -15.30
CA PHE A 183 -7.25 -10.62 -14.53
C PHE A 183 -6.74 -9.40 -13.78
N ASN A 184 -5.47 -9.43 -13.32
CA ASN A 184 -4.85 -8.29 -12.65
C ASN A 184 -4.57 -7.14 -13.62
N ALA A 185 -4.27 -7.44 -14.91
CA ALA A 185 -4.05 -6.43 -15.94
C ALA A 185 -5.37 -5.71 -16.26
N VAL A 186 -6.51 -6.42 -16.15
CA VAL A 186 -7.86 -5.87 -16.36
C VAL A 186 -8.15 -4.82 -15.29
N ILE A 187 -8.16 -5.21 -13.99
CA ILE A 187 -8.47 -4.31 -12.84
C ILE A 187 -7.53 -3.12 -12.75
N VAL A 188 -6.20 -3.33 -12.94
CA VAL A 188 -5.22 -2.25 -12.87
C VAL A 188 -5.50 -1.22 -13.97
N ALA A 189 -5.90 -1.69 -15.17
CA ALA A 189 -6.28 -0.77 -16.23
C ALA A 189 -7.55 -0.02 -15.88
N ILE A 190 -8.51 -0.66 -15.15
CA ILE A 190 -9.75 0.01 -14.71
C ILE A 190 -9.37 1.21 -13.81
N LYS A 191 -8.45 0.96 -12.88
CA LYS A 191 -7.94 1.96 -11.95
C LYS A 191 -7.15 3.08 -12.64
N VAL A 192 -6.20 2.72 -13.54
CA VAL A 192 -5.38 3.69 -14.28
C VAL A 192 -6.26 4.54 -15.21
N ALA A 193 -7.13 3.91 -16.02
CA ALA A 193 -8.03 4.61 -16.91
C ALA A 193 -8.96 5.62 -16.20
N VAL A 194 -9.56 5.27 -15.02
CA VAL A 194 -10.46 6.16 -14.27
C VAL A 194 -9.73 7.40 -13.77
N VAL A 195 -8.49 7.23 -13.30
CA VAL A 195 -7.65 8.33 -12.85
C VAL A 195 -7.43 9.28 -14.04
N LEU A 196 -6.95 8.73 -15.20
CA LEU A 196 -6.72 9.49 -16.45
C LEU A 196 -7.98 10.21 -16.91
N LEU A 197 -9.15 9.56 -16.75
CA LEU A 197 -10.45 10.11 -17.09
C LEU A 197 -10.75 11.36 -16.26
N PHE A 198 -10.50 11.31 -14.92
CA PHE A 198 -10.68 12.47 -14.04
C PHE A 198 -9.78 13.62 -14.51
N LEU A 199 -8.52 13.29 -14.88
CA LEU A 199 -7.54 14.26 -15.36
C LEU A 199 -7.96 14.92 -16.67
N ALA A 200 -8.33 14.08 -17.68
CA ALA A 200 -8.75 14.48 -19.02
C ALA A 200 -10.04 15.29 -19.05
N VAL A 201 -11.01 14.98 -18.16
CA VAL A 201 -12.31 15.66 -18.10
C VAL A 201 -12.22 16.88 -17.17
N GLY A 202 -11.51 16.71 -16.07
CA GLY A 202 -11.33 17.72 -15.04
C GLY A 202 -10.44 18.88 -15.40
N VAL A 203 -9.56 18.73 -16.40
CA VAL A 203 -8.64 19.80 -16.80
C VAL A 203 -9.41 21.04 -17.35
N TRP A 204 -10.51 20.79 -18.08
CA TRP A 204 -11.39 21.78 -18.72
C TRP A 204 -12.04 22.77 -17.76
N TYR A 205 -12.30 22.35 -16.52
CA TYR A 205 -12.99 23.11 -15.48
C TYR A 205 -12.06 23.68 -14.38
N VAL A 206 -10.73 23.55 -14.56
CA VAL A 206 -9.73 24.06 -13.61
C VAL A 206 -9.69 25.62 -13.59
N LYS A 207 -10.10 26.23 -12.46
CA LYS A 207 -10.08 27.68 -12.25
C LYS A 207 -8.76 28.01 -11.52
N PRO A 208 -7.77 28.63 -12.21
CA PRO A 208 -6.48 28.95 -11.54
C PRO A 208 -6.59 29.90 -10.34
N GLU A 209 -7.81 30.37 -10.04
CA GLU A 209 -8.15 31.25 -8.92
C GLU A 209 -8.09 30.45 -7.61
N ASN A 210 -8.47 29.15 -7.70
CA ASN A 210 -8.50 28.18 -6.61
C ASN A 210 -7.09 27.78 -6.13
N TRP A 211 -6.06 28.17 -6.91
CA TRP A 211 -4.66 27.89 -6.66
C TRP A 211 -3.95 29.08 -6.02
N THR A 212 -4.44 30.33 -6.29
CA THR A 212 -3.87 31.61 -5.84
C THR A 212 -3.47 31.60 -4.35
N PRO A 213 -4.34 31.35 -3.32
CA PRO A 213 -3.80 31.22 -1.94
C PRO A 213 -3.16 29.83 -1.88
N PHE A 214 -1.92 29.72 -2.42
CA PHE A 214 -1.15 28.49 -2.63
C PHE A 214 -0.71 27.78 -1.36
N MET A 215 0.00 28.46 -0.45
CA MET A 215 0.45 27.87 0.81
C MET A 215 -0.24 28.57 2.00
N PRO A 216 -1.58 28.36 2.21
CA PRO A 216 -2.25 29.04 3.33
C PRO A 216 -1.77 28.64 4.72
N TYR A 217 -1.32 27.39 4.87
CA TYR A 217 -0.85 26.82 6.14
C TYR A 217 0.68 26.85 6.26
N GLY A 218 1.34 27.59 5.36
CA GLY A 218 2.79 27.68 5.29
C GLY A 218 3.44 26.36 4.92
N PHE A 219 4.80 26.30 4.90
CA PHE A 219 5.52 25.06 4.59
C PHE A 219 5.31 24.00 5.67
N SER A 220 5.01 24.44 6.91
CA SER A 220 4.69 23.59 8.07
C SER A 220 3.52 22.67 7.69
N GLY A 221 2.55 23.24 6.96
CA GLY A 221 1.39 22.55 6.44
C GLY A 221 1.71 21.60 5.31
N VAL A 222 2.72 21.94 4.48
CA VAL A 222 3.19 21.10 3.37
C VAL A 222 3.83 19.82 3.97
N ALA A 223 4.58 19.97 5.08
CA ALA A 223 5.26 18.90 5.82
C ALA A 223 4.30 17.93 6.52
N THR A 224 3.24 18.43 7.22
CA THR A 224 2.26 17.54 7.88
C THR A 224 1.40 16.83 6.83
N GLY A 225 1.10 17.55 5.75
CA GLY A 225 0.37 17.03 4.59
C GLY A 225 1.10 15.87 3.94
N ALA A 226 2.45 15.95 3.84
CA ALA A 226 3.34 14.94 3.24
C ALA A 226 3.34 13.63 4.04
N ALA A 227 3.29 13.72 5.38
CA ALA A 227 3.24 12.58 6.30
C ALA A 227 1.93 11.78 6.13
N THR A 228 0.81 12.48 5.81
CA THR A 228 -0.50 11.89 5.57
C THR A 228 -0.50 11.15 4.22
N VAL A 229 -0.24 11.90 3.12
CA VAL A 229 -0.25 11.42 1.73
C VAL A 229 0.94 10.48 1.41
N PHE A 230 1.76 10.12 2.43
CA PHE A 230 2.86 9.15 2.30
C PHE A 230 2.22 7.77 2.05
N PHE A 231 1.10 7.50 2.75
CA PHE A 231 0.25 6.32 2.68
C PHE A 231 -0.02 5.87 1.23
N ALA A 232 -0.40 6.83 0.36
CA ALA A 232 -0.68 6.59 -1.05
C ALA A 232 0.47 5.87 -1.78
N TYR A 233 1.74 6.06 -1.33
CA TYR A 233 2.92 5.42 -1.93
C TYR A 233 3.23 4.02 -1.42
N ILE A 234 2.68 3.60 -0.26
CA ILE A 234 2.89 2.26 0.29
C ILE A 234 2.31 1.25 -0.71
N GLY A 235 3.06 0.21 -1.03
CA GLY A 235 2.61 -0.82 -1.97
C GLY A 235 3.63 -1.32 -2.97
N PHE A 236 4.70 -0.56 -3.21
CA PHE A 236 5.73 -0.98 -4.18
C PHE A 236 6.49 -2.25 -3.72
N ASP A 237 6.50 -2.51 -2.40
CA ASP A 237 7.14 -3.67 -1.75
C ASP A 237 6.52 -5.04 -2.15
N ALA A 238 5.24 -5.03 -2.61
CA ALA A 238 4.44 -6.18 -3.02
C ALA A 238 4.93 -6.92 -4.26
N VAL A 239 5.85 -6.33 -5.04
CA VAL A 239 6.40 -6.91 -6.26
C VAL A 239 7.22 -8.19 -5.92
N SER A 240 7.74 -8.27 -4.68
CA SER A 240 8.51 -9.42 -4.16
C SER A 240 7.65 -10.68 -3.97
N THR A 241 6.31 -10.54 -3.88
CA THR A 241 5.34 -11.63 -3.74
C THR A 241 5.52 -12.64 -4.87
N ALA A 242 5.46 -12.14 -6.12
CA ALA A 242 5.54 -12.92 -7.33
C ALA A 242 6.92 -13.55 -7.66
N ALA A 243 7.94 -13.37 -6.78
CA ALA A 243 9.32 -13.89 -6.99
C ALA A 243 9.40 -15.36 -7.43
N GLU A 244 8.50 -16.22 -6.95
CA GLU A 244 8.48 -17.66 -7.29
C GLU A 244 7.82 -17.94 -8.67
N GLU A 245 7.30 -16.88 -9.33
CA GLU A 245 6.63 -16.97 -10.63
C GLU A 245 7.28 -16.11 -11.71
N VAL A 246 8.45 -15.51 -11.40
CA VAL A 246 9.17 -14.64 -12.34
C VAL A 246 10.34 -15.35 -12.99
N ARG A 247 10.39 -15.31 -14.33
CA ARG A 247 11.55 -15.79 -15.10
C ARG A 247 12.51 -14.58 -14.99
N ASN A 248 13.74 -14.80 -14.48
CA ASN A 248 14.77 -13.76 -14.26
C ASN A 248 14.29 -12.67 -13.23
N PRO A 249 14.03 -13.03 -11.94
CA PRO A 249 13.56 -12.03 -10.98
C PRO A 249 14.61 -11.00 -10.56
N GLN A 250 15.89 -11.31 -10.73
CA GLN A 250 17.02 -10.44 -10.37
C GLN A 250 16.97 -9.08 -11.09
N ARG A 251 16.42 -9.02 -12.32
CA ARG A 251 16.35 -7.74 -13.00
C ARG A 251 14.90 -7.28 -13.31
N ASP A 252 13.90 -8.17 -13.17
CA ASP A 252 12.52 -7.79 -13.45
C ASP A 252 11.83 -7.15 -12.24
N MET A 253 12.06 -7.71 -11.01
CA MET A 253 11.52 -7.18 -9.76
C MET A 253 12.02 -5.75 -9.49
N PRO A 254 13.34 -5.38 -9.65
CA PRO A 254 13.74 -3.97 -9.49
C PRO A 254 12.99 -3.06 -10.45
N ILE A 255 12.81 -3.51 -11.73
CA ILE A 255 12.06 -2.76 -12.76
C ILE A 255 10.61 -2.50 -12.27
N GLY A 256 9.90 -3.56 -11.89
CA GLY A 256 8.53 -3.48 -11.38
C GLY A 256 8.36 -2.49 -10.26
N ILE A 257 9.20 -2.61 -9.19
CA ILE A 257 9.21 -1.75 -7.99
C ILE A 257 9.32 -0.26 -8.34
N ILE A 258 10.39 0.15 -9.05
CA ILE A 258 10.70 1.54 -9.42
C ILE A 258 9.73 2.09 -10.48
N VAL A 259 9.42 1.30 -11.51
CA VAL A 259 8.51 1.77 -12.57
C VAL A 259 7.10 2.03 -12.01
N SER A 260 6.52 1.07 -11.26
CA SER A 260 5.17 1.25 -10.71
C SER A 260 5.10 2.47 -9.81
N LEU A 261 6.19 2.72 -9.04
CA LEU A 261 6.28 3.87 -8.17
C LEU A 261 6.33 5.19 -8.97
N LEU A 262 7.28 5.28 -9.94
CA LEU A 262 7.47 6.48 -10.74
C LEU A 262 6.25 6.86 -11.57
N VAL A 263 5.47 5.86 -12.01
CA VAL A 263 4.23 6.06 -12.76
C VAL A 263 3.21 6.76 -11.85
N CYS A 264 2.95 6.19 -10.66
CA CYS A 264 2.01 6.71 -9.69
C CYS A 264 2.35 8.07 -9.17
N THR A 265 3.64 8.40 -9.02
CA THR A 265 4.08 9.72 -8.54
C THR A 265 3.56 10.83 -9.48
N LEU A 266 3.66 10.61 -10.80
CA LEU A 266 3.18 11.53 -11.86
C LEU A 266 1.67 11.68 -11.83
N LEU A 267 0.93 10.56 -11.73
CA LEU A 267 -0.53 10.60 -11.66
C LEU A 267 -0.94 11.38 -10.41
N TYR A 268 -0.25 11.13 -9.27
CA TYR A 268 -0.49 11.79 -7.98
C TYR A 268 -0.31 13.32 -8.02
N ILE A 269 0.75 13.82 -8.70
CA ILE A 269 1.01 15.25 -8.85
C ILE A 269 -0.09 15.90 -9.69
N ALA A 270 -0.52 15.23 -10.76
CA ALA A 270 -1.56 15.65 -11.68
C ALA A 270 -2.93 15.67 -11.00
N VAL A 271 -3.25 14.64 -10.19
CA VAL A 271 -4.52 14.55 -9.46
C VAL A 271 -4.65 15.70 -8.47
N SER A 272 -3.56 16.00 -7.72
CA SER A 272 -3.50 17.11 -6.75
C SER A 272 -3.81 18.47 -7.38
N LEU A 273 -3.23 18.73 -8.57
CA LEU A 273 -3.40 19.99 -9.27
C LEU A 273 -4.83 20.17 -9.78
N VAL A 274 -5.37 19.14 -10.45
CA VAL A 274 -6.71 19.13 -11.02
C VAL A 274 -7.78 19.23 -9.91
N LEU A 275 -7.59 18.49 -8.79
CA LEU A 275 -8.51 18.49 -7.64
C LEU A 275 -8.63 19.88 -6.96
N THR A 276 -7.47 20.49 -6.58
CA THR A 276 -7.42 21.81 -5.96
C THR A 276 -7.80 22.90 -6.98
N GLY A 277 -7.63 22.60 -8.28
CA GLY A 277 -7.97 23.48 -9.40
C GLY A 277 -9.46 23.56 -9.63
N ILE A 278 -10.19 22.43 -9.50
CA ILE A 278 -11.65 22.40 -9.63
C ILE A 278 -12.30 22.97 -8.37
N VAL A 279 -12.13 22.29 -7.22
CA VAL A 279 -12.75 22.61 -5.94
C VAL A 279 -11.82 23.46 -5.03
N PRO A 280 -12.30 24.57 -4.42
CA PRO A 280 -11.44 25.31 -3.49
C PRO A 280 -11.06 24.39 -2.32
N TYR A 281 -9.77 24.36 -1.95
CA TYR A 281 -9.22 23.49 -0.90
C TYR A 281 -10.14 23.35 0.32
N GLU A 282 -10.70 24.47 0.83
CA GLU A 282 -11.59 24.51 2.00
C GLU A 282 -12.86 23.61 1.90
N GLN A 283 -13.24 23.16 0.69
CA GLN A 283 -14.43 22.32 0.47
C GLN A 283 -14.11 20.84 0.19
N LEU A 284 -12.81 20.45 0.19
CA LEU A 284 -12.39 19.09 -0.16
C LEU A 284 -12.36 18.07 1.01
N ASN A 285 -12.70 18.45 2.25
CA ASN A 285 -12.78 17.48 3.37
C ASN A 285 -14.08 16.66 3.20
N VAL A 286 -14.03 15.66 2.28
CA VAL A 286 -15.11 14.78 1.82
C VAL A 286 -14.59 13.30 1.85
N LYS A 287 -15.52 12.31 1.99
CA LYS A 287 -15.20 10.88 2.00
C LYS A 287 -14.78 10.40 0.61
N ASN A 288 -15.29 11.08 -0.45
CA ASN A 288 -14.97 10.75 -1.83
C ASN A 288 -14.53 12.00 -2.65
N PRO A 289 -13.32 12.57 -2.37
CA PRO A 289 -12.89 13.81 -3.07
C PRO A 289 -12.95 13.83 -4.61
N VAL A 290 -12.52 12.75 -5.28
CA VAL A 290 -12.45 12.66 -6.75
C VAL A 290 -13.86 12.58 -7.38
N ALA A 291 -14.79 11.87 -6.74
CA ALA A 291 -16.17 11.77 -7.23
C ALA A 291 -16.82 13.13 -7.01
N PHE A 292 -16.59 13.73 -5.81
CA PHE A 292 -17.11 15.04 -5.38
C PHE A 292 -16.70 16.15 -6.34
N ALA A 293 -15.41 16.20 -6.77
CA ALA A 293 -14.91 17.24 -7.69
C ALA A 293 -15.65 17.18 -9.02
N LEU A 294 -15.97 15.95 -9.50
CA LEU A 294 -16.71 15.76 -10.74
C LEU A 294 -18.17 16.18 -10.60
N ASN A 295 -18.79 15.88 -9.42
CA ASN A 295 -20.16 16.27 -9.09
C ASN A 295 -20.26 17.79 -8.93
N TYR A 296 -19.22 18.42 -8.33
CA TYR A 296 -19.10 19.87 -8.08
C TYR A 296 -19.24 20.64 -9.38
N ILE A 297 -18.65 20.09 -10.46
CA ILE A 297 -18.61 20.73 -11.76
C ILE A 297 -19.64 20.12 -12.76
N HIS A 298 -20.64 19.40 -12.21
CA HIS A 298 -21.83 18.81 -12.83
C HIS A 298 -21.54 17.70 -13.89
N GLN A 299 -20.50 16.88 -13.64
CA GLN A 299 -20.14 15.74 -14.48
C GLN A 299 -20.54 14.46 -13.71
N ASP A 300 -21.84 14.37 -13.36
CA ASP A 300 -22.44 13.31 -12.55
C ASP A 300 -22.21 11.88 -13.05
N TRP A 301 -22.31 11.67 -14.37
CA TRP A 301 -22.14 10.39 -15.06
C TRP A 301 -20.69 9.87 -14.97
N VAL A 302 -19.70 10.75 -15.25
CA VAL A 302 -18.26 10.49 -15.20
C VAL A 302 -17.85 10.21 -13.74
N ALA A 303 -18.49 10.91 -12.77
CA ALA A 303 -18.28 10.77 -11.33
C ALA A 303 -18.66 9.38 -10.82
N GLY A 304 -19.78 8.84 -11.30
CA GLY A 304 -20.25 7.50 -10.94
C GLY A 304 -19.36 6.44 -11.54
N PHE A 305 -18.94 6.68 -12.79
CA PHE A 305 -18.03 5.85 -13.57
C PHE A 305 -16.64 5.78 -12.88
N ILE A 306 -16.18 6.90 -12.29
CA ILE A 306 -14.92 6.95 -11.51
C ILE A 306 -15.13 6.27 -10.14
N SER A 307 -16.36 6.37 -9.57
CA SER A 307 -16.71 5.72 -8.30
C SER A 307 -16.67 4.20 -8.45
N LEU A 308 -17.06 3.66 -9.63
CA LEU A 308 -17.03 2.23 -9.95
C LEU A 308 -15.58 1.71 -10.00
N GLY A 309 -14.73 2.44 -10.73
CA GLY A 309 -13.30 2.17 -10.87
C GLY A 309 -12.59 2.17 -9.53
N ALA A 310 -12.92 3.16 -8.67
CA ALA A 310 -12.39 3.27 -7.30
C ALA A 310 -12.80 2.04 -6.45
N ILE A 311 -14.07 1.58 -6.55
CA ILE A 311 -14.57 0.41 -5.82
C ILE A 311 -13.76 -0.84 -6.22
N ALA A 312 -13.72 -1.16 -7.52
CA ALA A 312 -12.99 -2.32 -8.04
C ALA A 312 -11.47 -2.23 -7.78
N GLY A 313 -10.89 -1.05 -8.01
CA GLY A 313 -9.48 -0.75 -7.84
C GLY A 313 -8.96 -0.72 -6.42
N ILE A 314 -9.74 -0.20 -5.46
CA ILE A 314 -9.35 -0.16 -4.04
C ILE A 314 -9.41 -1.58 -3.45
N THR A 315 -10.30 -2.45 -3.97
CA THR A 315 -10.49 -3.85 -3.55
C THR A 315 -9.20 -4.67 -3.73
N THR A 316 -8.43 -4.43 -4.81
CA THR A 316 -7.16 -5.14 -5.07
C THR A 316 -6.07 -4.75 -4.05
N VAL A 317 -6.15 -3.52 -3.51
CA VAL A 317 -5.22 -3.03 -2.48
C VAL A 317 -5.49 -3.79 -1.18
N LEU A 318 -6.77 -4.01 -0.87
CA LEU A 318 -7.23 -4.75 0.29
C LEU A 318 -6.76 -6.22 0.28
N LEU A 319 -6.85 -6.89 -0.88
CA LEU A 319 -6.43 -8.28 -1.05
C LEU A 319 -4.93 -8.46 -0.85
N VAL A 320 -4.12 -7.52 -1.41
CA VAL A 320 -2.66 -7.54 -1.29
C VAL A 320 -2.23 -7.43 0.17
N MET A 321 -2.76 -6.40 0.89
CA MET A 321 -2.47 -6.12 2.29
C MET A 321 -2.73 -7.31 3.19
N MET A 322 -3.90 -7.96 3.05
CA MET A 322 -4.24 -9.13 3.85
C MET A 322 -3.38 -10.34 3.51
N TYR A 323 -3.02 -10.52 2.22
CA TYR A 323 -2.15 -11.62 1.77
C TYR A 323 -0.72 -11.45 2.31
N GLY A 324 -0.20 -10.23 2.22
CA GLY A 324 1.14 -9.87 2.69
C GLY A 324 1.31 -10.06 4.18
N GLN A 325 0.21 -9.90 4.95
CA GLN A 325 0.17 -10.12 6.39
C GLN A 325 0.17 -11.62 6.69
N THR A 326 -0.68 -12.39 5.98
CA THR A 326 -0.83 -13.84 6.11
C THR A 326 0.48 -14.55 5.76
N ARG A 327 1.12 -14.13 4.64
CA ARG A 327 2.42 -14.63 4.21
C ARG A 327 3.46 -14.34 5.31
N LEU A 328 3.43 -13.11 5.90
CA LEU A 328 4.29 -12.67 7.00
C LEU A 328 4.12 -13.54 8.27
N PHE A 329 2.88 -13.98 8.59
CA PHE A 329 2.59 -14.87 9.74
C PHE A 329 3.16 -16.28 9.49
N TYR A 330 3.10 -16.76 8.21
CA TYR A 330 3.62 -18.06 7.78
C TYR A 330 5.16 -18.05 7.82
N ALA A 331 5.80 -16.88 7.58
CA ALA A 331 7.26 -16.73 7.61
C ALA A 331 7.84 -16.68 9.04
N ILE A 332 7.23 -15.89 9.93
CA ILE A 332 7.64 -15.71 11.33
C ILE A 332 7.54 -17.04 12.13
N SER A 333 6.47 -17.82 11.91
CA SER A 333 6.23 -19.11 12.57
C SER A 333 7.15 -20.24 12.09
N ARG A 334 7.51 -20.24 10.79
CA ARG A 334 8.43 -21.21 10.18
C ARG A 334 9.83 -20.96 10.78
N ASP A 335 10.16 -19.69 11.07
CA ASP A 335 11.42 -19.30 11.69
C ASP A 335 11.44 -19.55 13.21
N GLY A 336 10.28 -19.93 13.76
CA GLY A 336 10.07 -20.31 15.17
C GLY A 336 9.86 -19.18 16.14
N LEU A 337 9.85 -17.93 15.63
CA LEU A 337 9.66 -16.71 16.41
C LEU A 337 8.22 -16.52 16.92
N LEU A 338 7.27 -17.27 16.35
CA LEU A 338 5.88 -17.32 16.79
C LEU A 338 5.40 -18.78 16.69
N PRO A 339 4.38 -19.24 17.47
CA PRO A 339 3.99 -20.67 17.39
C PRO A 339 3.40 -21.11 16.04
N LYS A 340 3.46 -22.42 15.78
CA LYS A 340 3.00 -23.05 14.55
C LYS A 340 1.57 -23.56 14.69
N VAL A 341 0.68 -23.13 13.78
CA VAL A 341 -0.71 -23.56 13.72
C VAL A 341 -0.79 -24.59 12.59
N PHE A 342 -1.63 -25.64 12.75
CA PHE A 342 -1.81 -26.67 11.74
C PHE A 342 -3.29 -26.99 11.47
N ALA A 343 -3.62 -27.24 10.19
CA ALA A 343 -4.98 -27.60 9.73
C ALA A 343 -4.93 -28.65 8.61
N ARG A 344 -5.85 -29.64 8.66
CA ARG A 344 -5.96 -30.72 7.68
C ARG A 344 -6.41 -30.24 6.27
N ILE A 345 -5.49 -30.26 5.29
CA ILE A 345 -5.75 -29.85 3.90
C ILE A 345 -6.52 -30.97 3.16
N SER A 346 -6.39 -32.21 3.64
CA SER A 346 -7.06 -33.42 3.17
C SER A 346 -7.57 -34.15 4.42
N PRO A 347 -8.57 -35.06 4.34
CA PRO A 347 -8.99 -35.76 5.57
C PRO A 347 -7.86 -36.50 6.32
N THR A 348 -6.74 -36.85 5.63
CA THR A 348 -5.60 -37.59 6.22
C THR A 348 -4.24 -36.82 6.13
N ARG A 349 -4.22 -35.62 5.51
CA ARG A 349 -2.98 -34.85 5.37
C ARG A 349 -3.05 -33.42 5.95
N GLN A 350 -2.32 -33.19 7.05
CA GLN A 350 -2.27 -31.89 7.75
C GLN A 350 -1.03 -31.04 7.40
N VAL A 351 -1.21 -29.72 7.22
CA VAL A 351 -0.16 -28.77 6.83
C VAL A 351 -0.15 -27.47 7.71
N PRO A 352 0.90 -26.59 7.66
CA PRO A 352 0.86 -25.35 8.45
C PRO A 352 -0.27 -24.39 8.04
N TYR A 353 -0.93 -23.81 9.05
CA TYR A 353 -2.09 -22.93 8.88
C TYR A 353 -1.97 -21.57 9.57
N VAL A 354 -2.66 -20.57 8.99
CA VAL A 354 -2.80 -19.21 9.52
C VAL A 354 -4.30 -18.91 9.53
N ASN A 355 -4.85 -18.59 10.71
CA ASN A 355 -6.28 -18.30 10.84
C ASN A 355 -6.63 -16.92 10.25
N THR A 356 -7.04 -16.93 8.98
CA THR A 356 -7.40 -15.75 8.18
C THR A 356 -8.76 -15.18 8.61
N TRP A 357 -9.64 -16.02 9.19
CA TRP A 357 -10.93 -15.60 9.72
C TRP A 357 -10.69 -14.73 10.94
N LEU A 358 -9.71 -15.10 11.78
CA LEU A 358 -9.33 -14.34 12.97
C LEU A 358 -8.57 -13.07 12.60
N THR A 359 -7.56 -13.16 11.70
CA THR A 359 -6.79 -11.99 11.26
C THR A 359 -7.71 -10.98 10.53
N GLY A 360 -8.68 -11.50 9.78
CA GLY A 360 -9.67 -10.70 9.07
C GLY A 360 -10.72 -10.08 9.99
N ALA A 361 -11.12 -10.81 11.06
CA ALA A 361 -12.09 -10.30 12.03
C ALA A 361 -11.50 -9.09 12.75
N ALA A 362 -10.20 -9.19 13.19
CA ALA A 362 -9.45 -8.11 13.84
C ALA A 362 -9.47 -6.81 13.00
N VAL A 363 -9.18 -6.94 11.69
CA VAL A 363 -9.16 -5.87 10.70
C VAL A 363 -10.56 -5.25 10.57
N ALA A 364 -11.61 -6.09 10.39
CA ALA A 364 -13.02 -5.69 10.25
C ALA A 364 -13.50 -4.81 11.40
N VAL A 365 -13.13 -5.14 12.64
CA VAL A 365 -13.50 -4.39 13.83
C VAL A 365 -12.92 -2.99 13.79
N PHE A 366 -11.59 -2.87 13.58
CA PHE A 366 -10.91 -1.57 13.52
C PHE A 366 -11.37 -0.72 12.36
N ALA A 367 -11.78 -1.35 11.24
CA ALA A 367 -12.30 -0.68 10.05
C ALA A 367 -13.68 -0.07 10.33
N GLY A 368 -14.44 -0.70 11.23
CA GLY A 368 -15.77 -0.23 11.59
C GLY A 368 -15.84 0.75 12.74
N ILE A 369 -14.76 0.94 13.52
CA ILE A 369 -14.85 1.84 14.68
C ILE A 369 -13.78 2.94 14.71
N ILE A 370 -12.61 2.75 14.07
CA ILE A 370 -11.54 3.75 14.10
C ILE A 370 -11.65 4.74 12.91
N PRO A 371 -11.56 6.08 13.13
CA PRO A 371 -11.63 7.02 11.98
C PRO A 371 -10.44 6.84 11.06
N LEU A 372 -10.61 7.09 9.75
CA LEU A 372 -9.55 6.88 8.72
C LEU A 372 -8.22 7.52 9.07
N ASN A 373 -8.23 8.80 9.50
CA ASN A 373 -7.06 9.60 9.84
C ASN A 373 -6.11 8.89 10.81
N LYS A 374 -6.65 8.37 11.93
CA LYS A 374 -5.86 7.66 12.94
C LYS A 374 -5.23 6.39 12.35
N LEU A 375 -6.01 5.60 11.62
CA LEU A 375 -5.57 4.38 10.95
C LEU A 375 -4.40 4.67 9.98
N ALA A 376 -4.56 5.69 9.11
CA ALA A 376 -3.54 6.12 8.16
C ALA A 376 -2.26 6.56 8.90
N GLU A 377 -2.38 7.49 9.88
CA GLU A 377 -1.25 7.98 10.69
C GLU A 377 -0.47 6.87 11.39
N LEU A 378 -1.17 5.81 11.88
CA LEU A 378 -0.59 4.62 12.54
C LEU A 378 0.10 3.67 11.53
N THR A 379 -0.36 3.66 10.27
CA THR A 379 0.27 2.85 9.23
C THR A 379 1.57 3.55 8.82
N ASN A 380 1.52 4.90 8.71
CA ASN A 380 2.63 5.78 8.30
C ASN A 380 3.85 5.67 9.23
N ILE A 381 3.64 5.62 10.55
CA ILE A 381 4.76 5.49 11.50
C ILE A 381 5.46 4.13 11.33
N GLY A 382 4.70 3.03 11.33
CA GLY A 382 5.22 1.68 11.16
C GLY A 382 5.93 1.46 9.84
N THR A 383 5.40 2.05 8.76
CA THR A 383 5.98 1.91 7.41
C THR A 383 7.27 2.73 7.28
N LEU A 384 7.30 3.96 7.85
CA LEU A 384 8.47 4.84 7.79
C LEU A 384 9.68 4.21 8.49
N PHE A 385 9.46 3.59 9.68
CA PHE A 385 10.50 2.87 10.42
C PHE A 385 11.01 1.61 9.68
N ALA A 386 10.12 0.97 8.86
CA ALA A 386 10.48 -0.22 8.08
C ALA A 386 11.35 0.20 6.91
N PHE A 387 10.97 1.34 6.27
CA PHE A 387 11.67 1.97 5.15
C PHE A 387 13.07 2.43 5.54
N ILE A 388 13.21 3.03 6.75
CA ILE A 388 14.49 3.50 7.31
C ILE A 388 15.42 2.28 7.51
N THR A 389 14.88 1.19 8.08
CA THR A 389 15.59 -0.05 8.36
C THR A 389 16.18 -0.70 7.09
N VAL A 390 15.38 -0.78 6.00
CA VAL A 390 15.80 -1.36 4.72
C VAL A 390 16.89 -0.49 4.06
N SER A 391 16.71 0.87 4.07
CA SER A 391 17.66 1.85 3.54
C SER A 391 19.06 1.64 4.13
N ILE A 392 19.16 1.46 5.47
CA ILE A 392 20.42 1.19 6.19
C ILE A 392 20.89 -0.25 5.86
N GLY A 393 19.93 -1.14 5.63
CA GLY A 393 20.21 -2.52 5.27
C GLY A 393 21.10 -2.62 4.05
N VAL A 394 20.86 -1.79 3.01
CA VAL A 394 21.67 -1.74 1.78
C VAL A 394 23.14 -1.43 2.15
N LEU A 395 23.35 -0.40 2.99
CA LEU A 395 24.67 0.03 3.49
C LEU A 395 25.38 -1.07 4.26
N VAL A 396 24.65 -1.74 5.19
CA VAL A 396 25.17 -2.83 6.02
C VAL A 396 25.51 -4.05 5.13
N LEU A 397 24.71 -4.30 4.06
CA LEU A 397 24.96 -5.39 3.11
C LEU A 397 26.11 -5.06 2.16
N ARG A 398 26.47 -3.78 2.05
CA ARG A 398 27.60 -3.39 1.20
C ARG A 398 28.90 -3.53 2.00
N LYS A 399 28.83 -3.38 3.34
CA LYS A 399 29.99 -3.50 4.23
C LYS A 399 30.25 -4.99 4.54
N THR A 400 29.26 -5.71 5.12
CA THR A 400 29.29 -7.16 5.35
C THR A 400 28.75 -7.77 4.05
N GLN A 401 29.22 -8.94 3.61
CA GLN A 401 28.75 -9.58 2.34
C GLN A 401 28.83 -8.62 1.09
N PRO A 402 30.00 -8.00 0.78
CA PRO A 402 30.05 -7.09 -0.39
C PRO A 402 30.15 -7.77 -1.75
N ASP A 403 30.62 -9.04 -1.76
CA ASP A 403 30.86 -9.85 -2.96
C ASP A 403 29.59 -10.33 -3.68
N LEU A 404 28.42 -10.33 -3.01
CA LEU A 404 27.14 -10.75 -3.58
C LEU A 404 26.79 -10.15 -4.93
N LYS A 405 26.18 -10.97 -5.81
CA LYS A 405 25.75 -10.58 -7.15
C LYS A 405 24.60 -9.59 -7.04
N ARG A 406 24.74 -8.41 -7.70
CA ARG A 406 23.72 -7.33 -7.73
C ARG A 406 23.47 -6.85 -9.18
N ALA A 407 22.39 -7.36 -9.83
CA ALA A 407 22.01 -6.97 -11.20
C ALA A 407 21.56 -5.49 -11.21
N PHE A 408 20.88 -5.05 -10.12
CA PHE A 408 20.52 -3.68 -9.83
C PHE A 408 21.29 -3.24 -8.57
N ARG A 409 21.86 -2.04 -8.62
CA ARG A 409 22.59 -1.42 -7.52
C ARG A 409 22.06 -0.03 -7.32
N VAL A 410 21.91 0.40 -6.05
CA VAL A 410 21.47 1.77 -5.68
C VAL A 410 22.49 2.75 -6.33
N PRO A 411 22.03 3.78 -7.10
CA PRO A 411 22.97 4.68 -7.80
C PRO A 411 24.19 5.18 -7.01
N PHE A 412 23.99 5.95 -5.91
CA PHE A 412 25.12 6.50 -5.13
C PHE A 412 25.22 5.81 -3.79
N VAL A 413 26.18 4.86 -3.72
CA VAL A 413 26.53 3.91 -2.65
C VAL A 413 26.14 4.43 -1.23
N PRO A 414 26.64 5.56 -0.63
CA PRO A 414 26.10 5.96 0.70
C PRO A 414 24.97 7.00 0.66
N VAL A 415 25.11 8.08 -0.14
CA VAL A 415 24.22 9.24 -0.29
C VAL A 415 22.69 8.91 -0.40
N VAL A 416 22.26 8.17 -1.45
CA VAL A 416 20.83 7.84 -1.62
C VAL A 416 20.28 7.10 -0.37
N PRO A 417 20.87 5.96 0.13
CA PRO A 417 20.33 5.32 1.34
C PRO A 417 20.24 6.24 2.56
N ILE A 418 21.24 7.16 2.75
CA ILE A 418 21.27 8.18 3.81
C ILE A 418 20.09 9.18 3.62
N LEU A 419 19.88 9.68 2.37
CA LEU A 419 18.80 10.60 2.01
C LEU A 419 17.43 10.03 2.33
N ALA A 420 17.22 8.74 2.04
CA ALA A 420 15.99 8.02 2.39
C ALA A 420 15.81 8.01 3.91
N VAL A 421 16.92 7.80 4.68
CA VAL A 421 16.86 7.79 6.14
C VAL A 421 16.48 9.18 6.68
N LEU A 422 17.01 10.23 6.05
CA LEU A 422 16.76 11.62 6.46
C LEU A 422 15.37 12.13 6.09
N PHE A 423 14.89 11.79 4.88
CA PHE A 423 13.58 12.19 4.36
C PHE A 423 12.46 11.48 5.12
N CYS A 424 12.64 10.20 5.43
CA CYS A 424 11.67 9.42 6.18
C CYS A 424 11.67 9.87 7.62
N GLY A 425 12.89 10.08 8.16
CA GLY A 425 13.12 10.57 9.50
C GLY A 425 12.44 11.89 9.77
N TYR A 426 12.47 12.79 8.77
CA TYR A 426 11.80 14.10 8.78
C TYR A 426 10.28 13.94 8.81
N LEU A 427 9.72 13.01 8.01
CA LEU A 427 8.27 12.76 7.96
C LEU A 427 7.72 12.15 9.26
N VAL A 428 8.55 11.38 10.00
CA VAL A 428 8.14 10.77 11.28
C VAL A 428 7.86 11.86 12.32
N LEU A 429 8.70 12.92 12.32
CA LEU A 429 8.58 14.05 13.26
C LEU A 429 7.37 14.93 12.96
N GLN A 430 6.67 14.66 11.85
CA GLN A 430 5.50 15.42 11.41
C GLN A 430 4.13 14.80 11.80
N LEU A 431 4.15 13.61 12.42
CA LEU A 431 2.95 12.88 12.84
C LEU A 431 2.47 13.28 14.26
N PRO A 432 1.14 13.21 14.57
CA PRO A 432 0.67 13.55 15.92
C PRO A 432 1.35 12.77 17.02
N ALA A 433 1.49 13.37 18.22
CA ALA A 433 2.16 12.72 19.36
C ALA A 433 1.46 11.46 19.85
N MET A 434 0.10 11.43 19.82
CA MET A 434 -0.69 10.28 20.26
C MET A 434 -0.50 9.02 19.41
N THR A 435 -0.02 9.18 18.14
CA THR A 435 0.28 8.09 17.19
C THR A 435 1.40 7.20 17.76
N TRP A 436 2.31 7.81 18.56
CA TRP A 436 3.41 7.12 19.21
C TRP A 436 2.95 6.19 20.32
N ILE A 437 1.80 6.49 20.99
CA ILE A 437 1.25 5.69 22.10
C ILE A 437 0.94 4.25 21.65
N GLY A 438 0.24 4.12 20.53
CA GLY A 438 -0.15 2.83 19.94
C GLY A 438 1.04 2.05 19.40
N PHE A 439 1.88 2.71 18.59
CA PHE A 439 3.09 2.15 17.96
C PHE A 439 4.12 1.62 18.96
N VAL A 440 4.50 2.45 19.96
CA VAL A 440 5.49 2.11 20.99
C VAL A 440 4.98 0.94 21.86
N SER A 441 3.75 1.07 22.43
CA SER A 441 3.14 0.04 23.27
C SER A 441 3.05 -1.30 22.55
N TRP A 442 2.77 -1.28 21.23
CA TRP A 442 2.73 -2.48 20.41
C TRP A 442 4.12 -3.11 20.35
N LEU A 443 5.19 -2.27 20.21
CA LEU A 443 6.57 -2.75 20.14
C LEU A 443 7.05 -3.34 21.45
N LEU A 444 6.61 -2.77 22.59
CA LEU A 444 6.96 -3.29 23.92
C LEU A 444 6.38 -4.68 24.09
N ILE A 445 5.11 -4.91 23.64
CA ILE A 445 4.43 -6.21 23.66
C ILE A 445 5.28 -7.23 22.88
N GLY A 446 5.70 -6.85 21.67
CA GLY A 446 6.53 -7.67 20.79
C GLY A 446 7.91 -7.97 21.36
N LEU A 447 8.54 -6.95 21.98
CA LEU A 447 9.85 -7.09 22.61
C LEU A 447 9.81 -8.09 23.78
N VAL A 448 8.68 -8.12 24.51
CA VAL A 448 8.44 -9.06 25.62
C VAL A 448 8.31 -10.49 25.03
N ILE A 449 7.54 -10.62 23.93
CA ILE A 449 7.34 -11.88 23.20
C ILE A 449 8.67 -12.52 22.81
N TYR A 450 9.64 -11.73 22.30
CA TYR A 450 10.94 -12.24 21.90
C TYR A 450 11.76 -12.88 23.04
N PHE A 451 11.80 -12.26 24.22
CA PHE A 451 12.59 -12.80 25.33
C PHE A 451 11.95 -14.03 25.98
N ILE A 452 10.60 -14.07 26.03
CA ILE A 452 9.86 -15.19 26.60
C ILE A 452 9.76 -16.35 25.58
N TYR A 453 9.20 -16.10 24.38
CA TYR A 453 9.00 -17.11 23.34
C TYR A 453 10.03 -17.08 22.20
N GLY A 454 10.24 -15.93 21.58
CA GLY A 454 11.13 -15.74 20.44
C GLY A 454 12.53 -16.35 20.48
N ARG A 455 13.03 -16.69 21.67
CA ARG A 455 14.34 -17.33 21.84
C ARG A 455 14.26 -18.87 21.80
N LYS A 456 13.04 -19.40 21.60
CA LYS A 456 12.65 -20.81 21.44
C LYS A 456 12.16 -20.88 19.98
N HIS A 457 13.13 -20.85 19.05
CA HIS A 457 12.91 -20.78 17.60
C HIS A 457 13.86 -21.73 16.83
N SER A 458 13.80 -21.71 15.47
CA SER A 458 14.59 -22.58 14.58
C SER A 458 16.01 -22.04 14.21
N GLU A 459 16.76 -21.47 15.19
CA GLU A 459 18.13 -20.96 14.99
C GLU A 459 18.92 -20.86 16.32
N LEU A 460 18.26 -21.19 17.44
CA LEU A 460 18.86 -21.22 18.77
C LEU A 460 19.94 -22.32 18.78
N ASN A 461 19.54 -23.58 18.44
CA ASN A 461 20.37 -24.79 18.32
C ASN A 461 21.58 -24.85 19.28
N MET B 1 2.53 -12.60 -20.47
CA MET B 1 2.82 -11.26 -20.95
C MET B 1 2.34 -11.14 -22.40
N LEU B 2 2.55 -9.95 -23.03
CA LEU B 2 2.12 -9.58 -24.40
C LEU B 2 0.61 -9.47 -24.45
N GLY B 3 -0.09 -10.58 -24.22
CA GLY B 3 -1.54 -10.65 -24.13
C GLY B 3 -2.02 -9.78 -23.00
N ASN B 4 -1.28 -9.79 -21.88
CA ASN B 4 -1.55 -8.97 -20.70
C ASN B 4 -1.34 -7.48 -20.97
N MET B 5 -0.38 -7.12 -21.86
CA MET B 5 -0.10 -5.75 -22.31
C MET B 5 -1.27 -5.25 -23.19
N ASN B 6 -1.69 -6.08 -24.17
CA ASN B 6 -2.78 -5.80 -25.09
C ASN B 6 -4.09 -5.67 -24.35
N VAL B 7 -4.35 -6.58 -23.38
CA VAL B 7 -5.56 -6.60 -22.53
C VAL B 7 -5.65 -5.29 -21.72
N PHE B 8 -4.51 -4.86 -21.14
CA PHE B 8 -4.40 -3.61 -20.38
C PHE B 8 -4.75 -2.41 -21.29
N MET B 9 -4.02 -2.27 -22.42
CA MET B 9 -4.18 -1.21 -23.40
C MET B 9 -5.59 -1.08 -23.94
N ALA B 10 -6.24 -2.22 -24.23
CA ALA B 10 -7.60 -2.26 -24.76
C ALA B 10 -8.65 -1.72 -23.79
N VAL B 11 -8.57 -2.10 -22.51
CA VAL B 11 -9.57 -1.62 -21.53
C VAL B 11 -9.36 -0.13 -21.21
N LEU B 12 -8.12 0.40 -21.24
CA LEU B 12 -7.91 1.83 -21.04
C LEU B 12 -8.75 2.55 -22.11
N GLY B 13 -8.56 2.15 -23.38
CA GLY B 13 -9.24 2.69 -24.55
C GLY B 13 -10.75 2.57 -24.52
N ILE B 14 -11.28 1.45 -23.98
CA ILE B 14 -12.72 1.20 -23.85
C ILE B 14 -13.34 2.19 -22.85
N ILE B 15 -12.71 2.33 -21.67
CA ILE B 15 -13.10 3.25 -20.60
C ILE B 15 -12.89 4.73 -21.05
N LEU B 16 -11.77 5.03 -21.73
CA LEU B 16 -11.51 6.38 -22.23
C LEU B 16 -12.46 6.73 -23.38
N PHE B 17 -12.99 5.72 -24.10
CA PHE B 17 -13.96 5.98 -25.15
C PHE B 17 -15.30 6.31 -24.48
N SER B 18 -15.78 5.43 -23.57
CA SER B 18 -17.03 5.53 -22.83
C SER B 18 -17.08 6.77 -21.93
N GLY B 19 -15.93 7.11 -21.35
CA GLY B 19 -15.77 8.25 -20.47
C GLY B 19 -15.89 9.56 -21.23
N PHE B 20 -15.08 9.73 -22.31
CA PHE B 20 -15.10 10.93 -23.15
C PHE B 20 -16.49 11.12 -23.79
N LEU B 21 -17.18 10.01 -24.08
CA LEU B 21 -18.52 10.01 -24.64
C LEU B 21 -19.53 10.59 -23.63
N ALA B 22 -19.59 10.02 -22.41
CA ALA B 22 -20.49 10.45 -21.33
C ALA B 22 -20.22 11.90 -20.88
N ALA B 23 -18.93 12.34 -20.94
CA ALA B 23 -18.48 13.67 -20.56
C ALA B 23 -19.02 14.74 -21.50
N TYR B 24 -19.15 14.39 -22.78
CA TYR B 24 -19.64 15.24 -23.84
C TYR B 24 -21.11 15.56 -23.63
N PHE B 25 -21.88 14.59 -23.12
CA PHE B 25 -23.30 14.73 -22.85
C PHE B 25 -23.57 15.10 -21.37
N SER B 26 -23.18 16.34 -21.01
CA SER B 26 -23.31 16.92 -19.66
C SER B 26 -23.33 18.44 -19.77
N HIS B 27 -24.04 19.12 -18.83
CA HIS B 27 -24.19 20.59 -18.74
C HIS B 27 -22.87 21.29 -18.46
C18 OLC C . -5.31 11.04 -20.73
C10 OLC C . -2.42 18.60 -15.68
C9 OLC C . -2.90 19.50 -14.80
C17 OLC C . -4.71 12.45 -20.70
C11 OLC C . -2.74 17.12 -15.67
C8 OLC C . -2.61 20.98 -14.83
C24 OLC C . -12.29 27.26 -15.66
C16 OLC C . -5.02 13.25 -19.41
C12 OLC C . -2.52 16.45 -17.06
C7 OLC C . -3.81 21.69 -15.48
C15 OLC C . -4.25 14.59 -19.41
C13 OLC C . -3.70 16.70 -18.05
C6 OLC C . -3.45 23.10 -16.01
C14 OLC C . -4.63 15.48 -18.20
C5 OLC C . -4.52 23.55 -17.03
C4 OLC C . -5.24 24.86 -16.63
C3 OLC C . -6.43 25.08 -17.59
C2 OLC C . -7.29 26.31 -17.23
C21 OLC C . -10.87 27.45 -17.78
C1 OLC C . -8.73 26.21 -17.76
C22 OLC C . -11.65 28.27 -16.67
O19 OLC C . -9.24 25.29 -18.42
O25 OLC C . -13.55 26.94 -16.16
O23 OLC C . -10.92 29.30 -16.06
O20 OLC C . -9.48 27.33 -17.38
C18 OLC D . 3.97 21.82 -23.46
C10 OLC D . -3.91 18.19 -26.58
C9 OLC D . -4.48 19.34 -26.25
C17 OLC D . 2.82 20.80 -23.42
C11 OLC D . -2.75 17.58 -25.84
C8 OLC D . -5.65 20.00 -26.92
C24 OLC D . -11.96 27.05 -23.87
C16 OLC D . 3.15 19.55 -24.27
C12 OLC D . -1.45 18.42 -26.03
C7 OLC D . -6.82 20.15 -25.92
C15 OLC D . 2.00 18.52 -24.24
C13 OLC D . -0.31 17.93 -25.12
C6 OLC D . -6.58 21.27 -24.87
C14 OLC D . 0.98 18.74 -25.38
C5 OLC D . -7.52 21.11 -23.66
C4 OLC D . -7.05 22.05 -22.54
C3 OLC D . -8.12 22.26 -21.47
C2 OLC D . -9.00 23.49 -21.80
C21 OLC D . -10.57 25.95 -22.01
C1 OLC D . -8.37 24.85 -21.44
C22 OLC D . -10.59 26.36 -23.53
O19 OLC D . -7.22 25.05 -21.06
O25 OLC D . -12.93 26.03 -24.00
O23 OLC D . -9.49 27.10 -23.92
O20 OLC D . -9.19 25.97 -21.58
C18 OLC E . 3.49 7.32 -17.88
C10 OLC E . 1.41 1.05 -17.48
C9 OLC E . 2.52 0.33 -17.30
C17 OLC E . 2.43 8.30 -17.37
C11 OLC E . 1.35 2.43 -18.08
C8 OLC E . 3.90 0.75 -17.67
C24 OLC E . 15.32 -0.41 -19.57
C16 OLC E . 1.44 7.63 -16.40
C12 OLC E . 0.42 3.30 -17.30
C7 OLC E . 4.63 -0.38 -18.40
C15 OLC E . 0.18 7.16 -17.17
C13 OLC E . 0.66 4.74 -17.72
C6 OLC E . 6.13 -0.40 -18.03
C14 OLC E . -0.18 5.70 -16.86
C5 OLC E . 6.88 0.87 -18.50
C4 OLC E . 7.74 0.59 -19.73
C3 OLC E . 9.04 1.40 -19.67
C2 OLC E . 10.14 0.63 -18.91
C21 OLC E . 12.80 -0.64 -18.98
C1 OLC E . 11.41 1.48 -18.77
C22 OLC E . 14.27 -1.00 -18.55
O19 OLC E . 11.44 2.71 -18.64
O25 OLC E . 15.55 0.92 -19.18
O23 OLC E . 14.55 -0.68 -17.23
O20 OLC E . 12.63 0.79 -18.81
C18 OLC F . -13.03 -17.21 -14.45
C10 OLC F . -13.52 -14.83 -8.48
C9 OLC F . -13.15 -13.62 -8.06
C17 OLC F . -14.06 -17.96 -13.61
C11 OLC F . -14.85 -15.45 -8.23
C8 OLC F . -11.81 -12.99 -8.32
C24 OLC F . -1.85 -10.27 -5.17
C16 OLC F . -14.79 -17.00 -12.66
C12 OLC F . -14.89 -16.85 -8.86
C7 OLC F . -10.90 -13.17 -7.09
C15 OLC F . -15.88 -17.75 -11.86
C13 OLC F . -16.29 -17.23 -9.38
C6 OLC F . -9.93 -14.35 -7.25
C14 OLC F . -16.55 -16.80 -10.85
C5 OLC F . -9.07 -14.52 -5.99
C4 OLC F . -7.72 -13.78 -6.10
C3 OLC F . -6.86 -14.15 -4.88
C2 OLC F . -5.47 -13.49 -4.98
C21 OLC F . -3.30 -11.87 -3.83
C1 OLC F . -4.48 -14.09 -3.97
C22 OLC F . -2.19 -11.76 -4.93
O19 OLC F . -4.49 -15.24 -3.52
O25 OLC F . -3.05 -9.63 -5.54
O23 OLC F . -1.04 -12.46 -4.59
O20 OLC F . -3.47 -13.24 -3.49
C10 OLC G . 4.86 29.13 -6.03
C9 OLC G . 5.02 27.81 -6.30
C11 OLC G . 3.88 30.09 -6.63
C8 OLC G . 4.27 26.95 -7.28
C12 OLC G . 3.79 31.33 -5.74
C7 OLC G . 4.88 25.55 -7.23
C6 OLC G . 4.28 24.65 -8.31
C5 OLC G . 5.01 23.29 -8.29
C4 OLC G . 4.75 22.51 -9.59
C3 OLC G . 5.69 21.31 -9.66
C2 OLC G . 5.69 20.71 -11.07
C18 OLC H . -1.47 -0.25 17.87
C10 OLC H . -7.07 -7.90 18.27
C9 OLC H . -7.33 -9.17 17.86
C17 OLC H . -2.20 -0.67 19.13
C11 OLC H . -5.78 -7.34 18.82
C8 OLC H . -6.40 -10.35 17.87
C24 OLC H . 0.52 -18.83 12.69
C16 OLC H . -3.46 -1.47 18.82
C12 OLC H . -5.50 -6.00 18.15
C7 OLC H . -7.13 -11.59 17.31
C15 OLC H . -3.21 -2.98 18.97
C13 OLC H . -4.40 -5.22 18.88
C6 OLC H . -6.94 -11.78 15.79
C14 OLC H . -4.38 -3.77 18.37
C5 OLC H . -5.56 -12.36 15.41
C4 OLC H . -5.45 -13.88 15.62
C3 OLC H . -4.16 -14.40 14.99
C2 OLC H . -4.30 -15.87 14.58
C21 OLC H . -1.90 -18.19 12.86
C1 OLC H . -3.22 -16.27 13.60
C22 OLC H . -0.51 -18.11 13.60
O19 OLC H . -2.64 -15.56 12.79
O25 OLC H . 1.77 -18.50 13.22
O23 OLC H . -0.14 -16.81 13.88
O20 OLC H . -2.90 -17.62 13.71
C18 OLC I . 11.02 9.76 24.86
C10 OLC I . 7.86 13.80 18.39
C9 OLC I . 7.79 14.98 17.73
C17 OLC I . 10.91 9.97 23.36
C11 OLC I . 6.73 12.93 18.90
C8 OLC I . 6.57 15.73 17.29
C24 OLC I . 2.66 22.16 13.00
C16 OLC I . 9.92 8.98 22.74
C12 OLC I . 7.08 12.31 20.26
C7 OLC I . 5.96 16.50 18.48
C15 OLC I . 9.45 9.43 21.36
C13 OLC I . 8.11 11.18 20.12
C6 OLC I . 4.60 17.16 18.18
C14 OLC I . 8.31 10.47 21.46
C5 OLC I . 3.53 16.11 17.78
C4 OLC I . 2.10 16.68 17.59
C3 OLC I . 1.98 17.78 16.51
C2 OLC I . 2.08 17.30 15.05
C21 OLC I . 2.87 19.77 13.74
C1 OLC I . 3.50 17.47 14.49
C22 OLC I . 3.55 20.89 12.89
O19 OLC I . 4.39 16.65 14.56
O25 OLC I . 1.47 21.91 12.28
O23 OLC I . 4.86 21.14 13.28
O20 OLC I . 3.81 18.69 13.87
C18 OLC J . -5.22 -5.65 14.05
C10 OLC J . -0.53 -13.53 17.04
C9 OLC J . 0.41 -14.28 17.63
C17 OLC J . -3.92 -6.29 13.54
C11 OLC J . -0.72 -12.06 17.26
C16 OLC J . -3.90 -7.82 13.79
C12 OLC J . -1.98 -11.60 16.51
C15 OLC J . -2.98 -8.16 14.98
C13 OLC J . -1.96 -10.07 16.27
C14 OLC J . -3.08 -9.65 15.31
C18 OLC K . -22.67 -12.17 -11.59
C10 OLC K . -16.55 -10.53 -9.38
C9 OLC K . -15.29 -10.14 -9.10
C17 OLC K . -21.90 -13.32 -10.96
C11 OLC K . -17.57 -11.16 -8.46
C8 OLC K . -14.57 -10.21 -7.79
C24 OLC K . -2.64 -11.51 -9.46
C16 OLC K . -20.47 -13.42 -11.53
C12 OLC K . -17.37 -12.69 -8.35
C7 OLC K . -13.70 -8.96 -7.61
C15 OLC K . -19.66 -14.57 -10.89
C13 OLC K . -17.73 -13.42 -9.66
C6 OLC K . -12.77 -9.10 -6.39
C14 OLC K . -19.06 -14.18 -9.51
C5 OLC K . -11.38 -8.51 -6.70
C4 OLC K . -10.55 -9.47 -7.53
C3 OLC K . -9.09 -9.09 -7.46
C2 OLC K . -8.27 -10.14 -8.21
C21 OLC K . -4.71 -11.22 -7.97
C1 OLC K . -6.78 -9.89 -8.12
C22 OLC K . -4.18 -11.27 -9.45
O19 OLC K . -6.19 -8.81 -8.11
O25 OLC K . -2.05 -10.31 -9.08
O23 OLC K . -4.88 -12.20 -10.21
O20 OLC K . -6.13 -11.11 -8.06
C18 OLC L . 10.30 8.99 28.60
C10 OLC L . 6.18 14.73 23.25
C9 OLC L . 5.16 15.58 23.22
C17 OLC L . 9.37 10.15 28.25
C11 OLC L . 6.54 13.92 24.46
C8 OLC L . 4.74 16.41 22.06
C24 OLC L . 7.00 21.52 17.89
C16 OLC L . 10.12 11.49 28.17
C12 OLC L . 7.84 13.14 24.23
C7 OLC L . 4.00 17.64 22.59
C15 OLC L . 9.15 12.66 27.88
C13 OLC L . 8.21 12.34 25.49
C6 OLC L . 3.11 18.28 21.52
C14 OLC L . 9.18 13.12 26.40
C5 OLC L . 2.44 19.52 22.12
C4 OLC L . 1.46 20.21 21.16
C3 OLC L . 2.18 21.17 20.21
C2 OLC L . 1.98 20.67 18.76
C21 OLC L . 4.82 21.85 16.59
C1 OLC L . 2.67 21.60 17.78
C22 OLC L . 6.22 21.15 16.59
O19 OLC L . 2.20 22.61 17.26
O25 OLC L . 6.49 20.70 18.90
O23 OLC L . 6.13 19.78 16.36
O20 OLC L . 3.96 21.14 17.49
C18 OLC M . -22.03 -10.58 -0.88
C10 OLC M . -24.18 -17.18 -7.10
C9 OLC M . -23.83 -18.25 -7.83
C17 OLC M . -22.47 -12.05 -0.73
C11 OLC M . -23.40 -16.54 -5.98
C8 OLC M . -22.57 -19.07 -7.72
C24 OLC M . -13.87 -21.11 -8.06
C16 OLC M . -23.29 -12.52 -1.94
C12 OLC M . -23.16 -15.06 -6.30
C7 OLC M . -22.03 -19.35 -9.12
C15 OLC M . -22.38 -13.16 -2.99
C13 OLC M . -22.32 -14.37 -5.20
C6 OLC M . -22.12 -20.84 -9.49
C14 OLC M . -23.21 -13.69 -4.17
C5 OLC M . -21.91 -21.04 -11.00
C4 OLC M . -20.44 -21.16 -11.40
C3 OLC M . -20.04 -22.64 -11.50
C2 OLC M . -18.53 -22.81 -11.53
C21 OLC M . -16.23 -21.47 -8.90
C1 OLC M . -17.94 -22.70 -10.14
C22 OLC M . -14.77 -21.09 -9.34
O19 OLC M . -18.26 -23.35 -9.14
O25 OLC M . -14.09 -19.90 -7.41
O23 OLC M . -14.28 -21.92 -10.35
O20 OLC M . -16.94 -21.75 -10.11
C18 OLC N . 2.74 13.54 -18.14
C10 OLC N . -1.64 10.49 -20.89
C9 OLC N . -1.52 9.27 -21.41
C17 OLC N . 2.23 14.10 -16.81
C11 OLC N . -0.54 11.36 -20.36
C8 OLC N . -0.26 8.47 -21.58
C24 OLC N . 3.24 1.54 -25.56
C16 OLC N . 1.52 13.04 -15.94
C12 OLC N . -0.93 11.86 -18.98
C7 OLC N . -0.62 7.12 -22.20
C15 OLC N . 0.00 13.02 -16.20
C13 OLC N . -0.20 11.06 -17.88
C6 OLC N . -1.15 6.13 -21.15
C14 OLC N . -0.54 11.59 -16.47
C5 OLC N . -1.40 4.80 -21.84
C4 OLC N . -0.59 3.70 -21.15
C3 OLC N . 0.37 3.07 -22.14
C2 OLC N . 0.73 1.66 -21.65
C21 OLC N . 4.18 1.67 -23.19
C1 OLC N . 1.95 1.06 -22.32
C22 OLC N . 4.20 2.33 -24.62
O19 OLC N . 2.11 -0.13 -22.61
O25 OLC N . 3.46 2.06 -26.83
O23 OLC N . 3.98 3.70 -24.59
O20 OLC N . 2.93 2.02 -22.56
C ACT O . -5.02 17.60 11.05
O ACT O . -4.31 18.61 10.78
OXT ACT O . -6.22 17.46 10.73
CH3 ACT O . -4.35 16.43 11.80
CL CL P . -27.26 21.01 -14.70
N ALA Q . -1.06 3.01 -1.20
CA ALA Q . -2.19 2.24 -0.71
C ALA Q . -3.48 3.05 -0.81
O ALA Q . -3.39 4.25 -1.13
CB ALA Q . -1.93 1.83 0.74
C1 CLR R . -16.80 20.95 -20.73
C2 CLR R . -16.43 22.46 -20.85
C3 CLR R . -17.48 23.29 -21.66
C4 CLR R . -18.08 22.50 -22.87
C5 CLR R . -17.23 21.28 -23.18
C6 CLR R . -16.57 21.25 -24.37
C7 CLR R . -15.67 20.13 -24.80
C8 CLR R . -15.88 18.83 -23.99
C9 CLR R . -15.92 19.18 -22.44
C10 CLR R . -17.13 20.20 -22.07
C11 CLR R . -15.91 17.87 -21.57
C12 CLR R . -14.73 16.90 -21.92
C13 CLR R . -14.63 16.51 -23.44
C14 CLR R . -14.66 17.89 -24.25
C15 CLR R . -14.33 17.46 -25.69
C16 CLR R . -13.32 16.34 -25.50
C17 CLR R . -13.16 16.12 -23.97
C18 CLR R . -15.77 15.47 -23.81
C19 CLR R . -18.51 19.49 -21.91
C20 CLR R . -12.45 14.77 -23.63
C21 CLR R . -12.90 14.09 -22.34
C22 CLR R . -10.97 15.13 -23.36
C23 CLR R . -10.03 14.60 -24.45
C24 CLR R . -8.70 15.41 -24.46
C25 CLR R . -7.70 15.07 -23.32
C26 CLR R . -6.71 13.99 -23.76
C27 CLR R . -6.94 16.32 -22.87
O1 CLR R . -18.49 23.65 -20.77
C18 OLC S . -2.38 11.80 -25.70
C10 OLC S . -5.45 3.77 -26.37
C9 OLC S . -6.48 3.25 -27.03
C17 OLC S . -3.93 11.85 -25.73
C11 OLC S . -5.56 4.89 -25.40
C8 OLC S . -6.39 2.12 -28.00
C24 OLC S . -2.05 -7.72 -31.18
C16 OLC S . -4.61 10.66 -25.01
C12 OLC S . -4.28 5.72 -25.42
C7 OLC S . -6.44 0.81 -27.19
C15 OLC S . -4.80 9.51 -26.00
C13 OLC S . -4.47 7.02 -26.20
C6 OLC S . -6.66 -0.46 -28.02
C14 OLC S . -4.91 8.17 -25.27
C5 OLC S . -5.43 -0.85 -28.86
C4 OLC S . -4.31 -1.50 -28.04
C3 OLC S . -4.60 -2.98 -27.73
C2 OLC S . -4.37 -3.88 -28.95
C21 OLC S . -3.67 -5.71 -31.07
C1 OLC S . -2.88 -4.09 -29.28
C22 OLC S . -3.49 -7.24 -30.80
O19 OLC S . -1.91 -3.54 -28.76
O25 OLC S . -2.01 -9.10 -30.95
O23 OLC S . -3.87 -7.57 -29.50
O20 OLC S . -2.65 -5.01 -30.30
#